data_3C49
#
_entry.id   3C49
#
_cell.length_a   54.790
_cell.length_b   57.190
_cell.length_c   56.470
_cell.angle_alpha   90.00
_cell.angle_beta   112.05
_cell.angle_gamma   90.00
#
_symmetry.space_group_name_H-M   'P 1 21 1'
#
loop_
_entity.id
_entity.type
_entity.pdbx_description
1 polymer 'Poly(ADP-ribose) polymerase 3'
2 non-polymer 4-[3-(1,4-diazepan-1-ylcarbonyl)-4-fluorobenzyl]phthalazin-1(2H)-one
3 water water
#
_entity_poly.entity_id   1
_entity_poly.type   'polypeptide(L)'
_entity_poly.pdbx_seq_one_letter_code
;SMKRVQPCSLDPATQKLITNIFSKEMFKNTMALMDLDVKKMPLGKLSKQQIARGFEALEALEEALKGPTDGGQSLEELSS
HFYTVIPHNFGHSQPPPINSPELLQAKKDMLLVLADIELAQALQAVSEQEKTVEEVPHPLDRDYQLLKCQLQLLDSGAPE
YKVIQTYLEQTGSNHRCPTLQHIWKVNQEGEEDRFQAHSKLGNRKLLWHGTNMAVVAAILTSGLRIMPHSGGRVGKGIYF
ASENSKSAGYVIGMKCGAHHVGYMFLGEVALGREHHINTDNPSLKSPPPGFDSVIARGHTEPDPTQDTELELDGQQVVVP
QGQPVPCPEFSSSTFSQSEYLIYQESQCRLRYLLEVH
;
_entity_poly.pdbx_strand_id   A
#
loop_
_chem_comp.id
_chem_comp.type
_chem_comp.name
_chem_comp.formula
KU8 non-polymer 4-[3-(1,4-diazepan-1-ylcarbonyl)-4-fluorobenzyl]phthalazin-1(2H)-one 'C21 H21 F N4 O2'
#
# COMPACT_ATOMS: atom_id res chain seq x y z
N SER A 1 -14.50 22.29 -33.73
CA SER A 1 -13.18 22.25 -33.11
C SER A 1 -13.28 22.22 -31.59
N MET A 2 -14.48 22.50 -31.08
CA MET A 2 -14.73 22.45 -29.64
C MET A 2 -15.25 21.08 -29.24
N LYS A 3 -14.36 20.24 -28.72
CA LYS A 3 -14.74 18.88 -28.34
C LYS A 3 -15.79 18.86 -27.24
N ARG A 4 -16.63 17.83 -27.28
CA ARG A 4 -17.66 17.64 -26.28
C ARG A 4 -17.13 16.80 -25.13
N VAL A 5 -17.46 17.21 -23.90
CA VAL A 5 -17.21 16.38 -22.73
C VAL A 5 -18.48 15.62 -22.41
N GLN A 6 -18.41 14.29 -22.40
CA GLN A 6 -19.58 13.47 -22.13
C GLN A 6 -19.89 13.46 -20.64
N PRO A 7 -21.17 13.25 -20.28
CA PRO A 7 -21.60 13.19 -18.88
C PRO A 7 -20.92 12.06 -18.12
N CYS A 8 -20.60 12.30 -16.85
CA CYS A 8 -19.94 11.28 -16.04
C CYS A 8 -20.86 10.11 -15.75
N SER A 9 -20.30 8.90 -15.77
CA SER A 9 -21.08 7.69 -15.57
C SER A 9 -20.99 7.21 -14.13
N LEU A 10 -20.10 7.81 -13.36
CA LEU A 10 -19.82 7.37 -12.00
C LEU A 10 -20.77 7.98 -10.98
N ASP A 11 -21.03 7.22 -9.91
CA ASP A 11 -21.84 7.71 -8.81
C ASP A 11 -21.00 8.63 -7.92
N PRO A 12 -21.64 9.37 -7.01
CA PRO A 12 -20.92 10.36 -6.20
C PRO A 12 -19.73 9.80 -5.42
N ALA A 13 -19.92 8.67 -4.74
CA ALA A 13 -18.87 8.09 -3.92
C ALA A 13 -17.62 7.79 -4.74
N THR A 14 -17.81 7.21 -5.92
CA THR A 14 -16.69 6.84 -6.77
C THR A 14 -16.02 8.05 -7.42
N GLN A 15 -16.79 9.12 -7.62
CA GLN A 15 -16.23 10.37 -8.10
C GLN A 15 -15.28 10.94 -7.06
N LYS A 16 -15.73 11.00 -5.82
CA LYS A 16 -14.91 11.48 -4.72
C LYS A 16 -13.61 10.70 -4.64
N LEU A 17 -13.72 9.38 -4.70
CA LEU A 17 -12.56 8.50 -4.64
C LEU A 17 -11.56 8.80 -5.76
N ILE A 18 -12.06 8.87 -6.99
CA ILE A 18 -11.20 9.12 -8.14
C ILE A 18 -10.58 10.52 -8.04
N THR A 19 -11.36 11.48 -7.58
CA THR A 19 -10.85 12.81 -7.31
C THR A 19 -9.67 12.72 -6.35
N ASN A 20 -9.94 12.16 -5.17
CA ASN A 20 -8.93 12.05 -4.11
C ASN A 20 -7.61 11.44 -4.57
N ILE A 21 -7.66 10.25 -5.14
CA ILE A 21 -6.44 9.48 -5.41
C ILE A 21 -5.63 9.97 -6.61
N PHE A 22 -6.18 10.93 -7.36
CA PHE A 22 -5.43 11.54 -8.45
C PHE A 22 -5.16 13.01 -8.14
N SER A 23 -5.60 13.44 -6.97
CA SER A 23 -5.49 14.84 -6.54
C SER A 23 -4.04 15.32 -6.46
N LYS A 24 -3.74 16.40 -7.19
CA LYS A 24 -2.42 16.99 -7.17
C LYS A 24 -2.06 17.53 -5.78
N GLU A 25 -3.05 18.07 -5.09
CA GLU A 25 -2.85 18.58 -3.75
C GLU A 25 -2.44 17.45 -2.82
N MET A 26 -3.22 16.38 -2.85
CA MET A 26 -2.93 15.17 -2.07
C MET A 26 -1.51 14.65 -2.33
N PHE A 27 -1.08 14.69 -3.59
CA PHE A 27 0.26 14.26 -3.95
C PHE A 27 1.31 15.19 -3.36
N LYS A 28 1.07 16.49 -3.46
CA LYS A 28 2.01 17.48 -2.97
C LYS A 28 2.09 17.46 -1.45
N ASN A 29 0.94 17.24 -0.81
CA ASN A 29 0.89 17.08 0.63
C ASN A 29 1.76 15.92 1.09
N THR A 30 1.61 14.77 0.43
CA THR A 30 2.39 13.60 0.77
C THR A 30 3.88 13.88 0.65
N MET A 31 4.27 14.56 -0.43
CA MET A 31 5.67 14.93 -0.64
C MET A 31 6.18 15.87 0.45
N ALA A 32 5.38 16.87 0.79
CA ALA A 32 5.72 17.78 1.88
C ALA A 32 5.86 17.02 3.19
N LEU A 33 4.93 16.09 3.41
CA LEU A 33 4.93 15.27 4.63
C LEU A 33 6.15 14.37 4.72
N MET A 34 6.87 14.25 3.60
CA MET A 34 8.10 13.44 3.56
C MET A 34 9.32 14.34 3.40
N ASP A 35 9.16 15.61 3.75
CA ASP A 35 10.26 16.56 3.74
C ASP A 35 10.87 16.74 2.35
N LEU A 36 10.04 16.62 1.33
CA LEU A 36 10.49 16.85 -0.05
C LEU A 36 10.20 18.28 -0.49
N ASP A 37 11.14 18.88 -1.19
CA ASP A 37 10.94 20.24 -1.71
C ASP A 37 10.10 20.18 -2.97
N VAL A 38 8.83 20.55 -2.85
CA VAL A 38 7.88 20.42 -3.95
C VAL A 38 8.13 21.46 -5.06
N LYS A 39 8.63 22.63 -4.68
CA LYS A 39 8.91 23.67 -5.66
C LYS A 39 10.15 23.34 -6.48
N LYS A 40 11.16 22.79 -5.82
CA LYS A 40 12.40 22.39 -6.48
C LYS A 40 12.24 21.08 -7.24
N MET A 41 11.08 20.45 -7.09
CA MET A 41 10.82 19.14 -7.68
C MET A 41 9.33 18.93 -7.93
N PRO A 42 8.80 19.58 -8.97
CA PRO A 42 7.36 19.59 -9.29
C PRO A 42 6.82 18.25 -9.78
N LEU A 43 5.53 18.02 -9.58
CA LEU A 43 4.87 16.77 -9.97
C LEU A 43 5.07 16.44 -11.45
N GLY A 44 5.10 17.46 -12.28
CA GLY A 44 5.24 17.28 -13.72
C GLY A 44 6.69 17.14 -14.16
N LYS A 45 7.60 17.14 -13.19
CA LYS A 45 9.02 17.00 -13.50
C LYS A 45 9.55 15.67 -12.95
N LEU A 46 8.74 15.03 -12.11
CA LEU A 46 9.10 13.71 -11.59
C LEU A 46 9.36 12.73 -12.71
N SER A 47 10.60 12.22 -12.76
CA SER A 47 10.97 11.25 -13.79
C SER A 47 11.45 9.96 -13.16
N LYS A 48 11.31 8.87 -13.90
CA LYS A 48 11.79 7.57 -13.45
C LYS A 48 13.31 7.58 -13.40
N GLN A 49 13.91 8.40 -14.24
CA GLN A 49 15.36 8.53 -14.30
C GLN A 49 15.90 9.17 -13.03
N GLN A 50 15.22 10.23 -12.58
CA GLN A 50 15.59 10.92 -11.36
C GLN A 50 15.48 9.99 -10.16
N ILE A 51 14.37 9.25 -10.10
CA ILE A 51 14.15 8.29 -9.04
C ILE A 51 15.19 7.18 -9.05
N ALA A 52 15.55 6.71 -10.24
CA ALA A 52 16.60 5.71 -10.37
C ALA A 52 17.92 6.26 -9.85
N ARG A 53 18.28 7.46 -10.32
CA ARG A 53 19.50 8.11 -9.84
C ARG A 53 19.42 8.30 -8.33
N GLY A 54 18.21 8.58 -7.84
CA GLY A 54 17.98 8.68 -6.41
C GLY A 54 18.35 7.40 -5.70
N PHE A 55 17.84 6.29 -6.20
CA PHE A 55 18.11 4.98 -5.60
C PHE A 55 19.61 4.65 -5.59
N GLU A 56 20.29 4.86 -6.70
CA GLU A 56 21.72 4.59 -6.79
C GLU A 56 22.48 5.29 -5.66
N ALA A 57 22.06 6.50 -5.35
CA ALA A 57 22.69 7.28 -4.29
C ALA A 57 22.56 6.59 -2.94
N LEU A 58 21.41 5.97 -2.71
CA LEU A 58 21.15 5.24 -1.46
C LEU A 58 21.92 3.93 -1.44
N GLU A 59 22.05 3.29 -2.60
CA GLU A 59 22.83 2.06 -2.71
C GLU A 59 24.27 2.31 -2.31
N ALA A 60 24.90 3.30 -2.94
CA ALA A 60 26.26 3.67 -2.60
C ALA A 60 26.35 4.00 -1.11
N LEU A 61 25.33 4.68 -0.61
CA LEU A 61 25.27 5.07 0.79
C LEU A 61 25.27 3.83 1.69
N GLU A 62 24.57 2.79 1.27
CA GLU A 62 24.51 1.56 2.03
C GLU A 62 25.84 0.84 2.07
N GLU A 63 26.53 0.80 0.93
CA GLU A 63 27.84 0.17 0.83
C GLU A 63 28.81 0.76 1.84
N ALA A 64 28.66 2.04 2.12
CA ALA A 64 29.50 2.73 3.08
C ALA A 64 29.07 2.42 4.52
N LEU A 65 27.77 2.32 4.74
CA LEU A 65 27.22 2.06 6.06
C LEU A 65 27.52 0.65 6.56
N LYS A 66 27.40 -0.33 5.66
CA LYS A 66 27.66 -1.72 6.01
C LYS A 66 29.15 -2.00 6.03
N GLY A 67 29.86 -1.48 5.03
CA GLY A 67 31.30 -1.65 4.93
C GLY A 67 32.03 -0.98 6.08
N PRO A 68 32.78 -1.76 6.87
CA PRO A 68 33.58 -1.22 7.97
C PRO A 68 34.66 -0.28 7.45
N THR A 69 34.46 1.01 7.62
CA THR A 69 35.39 2.04 7.16
C THR A 69 36.13 1.61 5.89
N ASP A 70 35.38 1.45 4.80
CA ASP A 70 35.95 0.98 3.53
C ASP A 70 37.17 1.80 3.11
N GLY A 71 37.05 3.12 3.18
CA GLY A 71 38.12 4.01 2.78
C GLY A 71 37.71 4.92 1.64
N GLY A 72 36.46 4.82 1.22
CA GLY A 72 35.94 5.64 0.15
C GLY A 72 35.50 7.00 0.67
N GLN A 73 34.42 7.53 0.08
CA GLN A 73 33.90 8.84 0.47
C GLN A 73 33.00 8.75 1.69
N SER A 74 33.03 9.78 2.54
CA SER A 74 32.32 9.77 3.81
C SER A 74 30.80 9.83 3.65
N LEU A 75 30.09 9.42 4.70
CA LEU A 75 28.63 9.46 4.71
C LEU A 75 28.12 10.87 4.43
N GLU A 76 28.74 11.84 5.10
CA GLU A 76 28.37 13.23 4.91
C GLU A 76 28.38 13.60 3.43
N GLU A 77 29.49 13.29 2.77
CA GLU A 77 29.65 13.65 1.36
C GLU A 77 28.66 12.92 0.46
N LEU A 78 28.50 11.61 0.68
CA LEU A 78 27.59 10.81 -0.12
C LEU A 78 26.12 11.21 0.08
N SER A 79 25.79 11.67 1.28
CA SER A 79 24.45 12.16 1.56
C SER A 79 24.16 13.41 0.71
N SER A 80 25.10 14.34 0.73
CA SER A 80 24.98 15.56 -0.06
C SER A 80 24.58 15.27 -1.50
N HIS A 81 25.17 14.23 -2.08
CA HIS A 81 24.88 13.86 -3.45
C HIS A 81 23.43 13.41 -3.60
N PHE A 82 22.95 12.63 -2.64
CA PHE A 82 21.57 12.18 -2.65
C PHE A 82 20.61 13.35 -2.63
N TYR A 83 20.85 14.29 -1.71
CA TYR A 83 20.00 15.47 -1.62
C TYR A 83 20.09 16.32 -2.86
N THR A 84 21.23 16.29 -3.54
CA THR A 84 21.41 17.03 -4.77
C THR A 84 20.47 16.49 -5.85
N VAL A 85 20.30 15.18 -5.88
CA VAL A 85 19.41 14.55 -6.87
C VAL A 85 17.94 14.65 -6.46
N ILE A 86 17.66 14.36 -5.19
CA ILE A 86 16.29 14.43 -4.67
C ILE A 86 16.16 15.52 -3.61
N PRO A 87 15.80 16.74 -4.03
CA PRO A 87 15.73 17.93 -3.17
C PRO A 87 14.88 17.71 -1.92
N HIS A 88 15.42 18.09 -0.77
CA HIS A 88 14.68 18.03 0.48
C HIS A 88 14.46 19.42 1.05
N ASN A 89 13.44 19.56 1.90
CA ASN A 89 13.16 20.83 2.55
C ASN A 89 13.04 20.70 4.06
N PHE A 90 13.87 21.46 4.77
CA PHE A 90 13.87 21.46 6.22
C PHE A 90 13.96 22.90 6.75
N GLY A 91 13.14 23.78 6.20
CA GLY A 91 13.17 25.18 6.57
C GLY A 91 14.50 25.82 6.20
N HIS A 92 15.01 25.44 5.03
CA HIS A 92 16.29 25.95 4.54
C HIS A 92 17.41 25.82 5.56
N SER A 93 17.59 24.58 6.04
CA SER A 93 18.74 24.21 6.86
C SER A 93 19.40 23.02 6.19
N GLN A 94 20.65 22.74 6.54
CA GLN A 94 21.36 21.62 5.93
C GLN A 94 20.62 20.31 6.20
N PRO A 95 20.28 19.58 5.13
CA PRO A 95 19.64 18.26 5.24
C PRO A 95 20.46 17.30 6.10
N PRO A 96 19.78 16.40 6.83
CA PRO A 96 20.40 15.52 7.81
C PRO A 96 21.20 14.40 7.15
N PRO A 97 22.48 14.25 7.53
CA PRO A 97 23.33 13.18 7.00
C PRO A 97 22.76 11.81 7.32
N ILE A 98 22.61 10.97 6.29
CA ILE A 98 22.10 9.62 6.47
C ILE A 98 23.19 8.73 7.04
N ASN A 99 23.08 8.42 8.33
CA ASN A 99 24.14 7.75 9.06
C ASN A 99 23.65 6.61 9.95
N SER A 100 22.60 5.93 9.51
CA SER A 100 22.05 4.82 10.28
C SER A 100 21.12 3.98 9.43
N PRO A 101 21.12 2.66 9.67
CA PRO A 101 20.24 1.75 8.94
C PRO A 101 18.80 2.24 8.97
N GLU A 102 18.36 2.76 10.11
CA GLU A 102 17.01 3.29 10.24
C GLU A 102 16.74 4.39 9.23
N LEU A 103 17.70 5.31 9.10
CA LEU A 103 17.54 6.46 8.22
C LEU A 103 17.70 6.06 6.75
N LEU A 104 18.52 5.06 6.51
CA LEU A 104 18.74 4.55 5.16
C LEU A 104 17.46 3.96 4.62
N GLN A 105 16.73 3.25 5.48
CA GLN A 105 15.46 2.63 5.11
C GLN A 105 14.37 3.69 4.99
N ALA A 106 14.54 4.78 5.71
CA ALA A 106 13.57 5.87 5.70
C ALA A 106 13.50 6.50 4.32
N LYS A 107 14.66 6.78 3.74
CA LYS A 107 14.75 7.43 2.44
C LYS A 107 14.34 6.47 1.31
N LYS A 108 14.62 5.19 1.51
CA LYS A 108 14.19 4.18 0.55
C LYS A 108 12.67 4.12 0.48
N ASP A 109 12.04 4.15 1.64
CA ASP A 109 10.59 4.16 1.74
C ASP A 109 10.03 5.33 0.94
N MET A 110 10.54 6.53 1.22
CA MET A 110 10.09 7.73 0.54
C MET A 110 10.27 7.62 -0.97
N LEU A 111 11.45 7.18 -1.41
CA LEU A 111 11.70 6.98 -2.83
C LEU A 111 10.70 6.02 -3.47
N LEU A 112 10.32 4.98 -2.71
CA LEU A 112 9.35 4.01 -3.20
C LEU A 112 7.97 4.62 -3.34
N VAL A 113 7.60 5.47 -2.38
CA VAL A 113 6.33 6.18 -2.45
C VAL A 113 6.34 7.15 -3.61
N LEU A 114 7.37 7.99 -3.64
CA LEU A 114 7.56 8.94 -4.72
C LEU A 114 7.40 8.23 -6.06
N ALA A 115 7.95 7.03 -6.14
CA ALA A 115 7.89 6.22 -7.35
C ALA A 115 6.46 5.94 -7.81
N ASP A 116 5.57 5.70 -6.87
CA ASP A 116 4.17 5.41 -7.20
C ASP A 116 3.37 6.68 -7.48
N ILE A 117 3.87 7.81 -7.01
CA ILE A 117 3.28 9.10 -7.34
C ILE A 117 3.59 9.41 -8.80
N GLU A 118 4.84 9.16 -9.19
CA GLU A 118 5.27 9.37 -10.56
C GLU A 118 4.51 8.43 -11.49
N LEU A 119 4.35 7.19 -11.06
CA LEU A 119 3.58 6.21 -11.80
C LEU A 119 2.18 6.77 -12.09
N ALA A 120 1.59 7.39 -11.09
CA ALA A 120 0.29 8.03 -11.24
C ALA A 120 0.34 9.21 -12.20
N GLN A 121 1.44 9.96 -12.16
CA GLN A 121 1.60 11.12 -13.02
C GLN A 121 1.73 10.71 -14.49
N ALA A 122 2.52 9.68 -14.75
CA ALA A 122 2.71 9.17 -16.10
C ALA A 122 1.44 8.52 -16.63
N LEU A 123 0.62 8.02 -15.71
CA LEU A 123 -0.63 7.36 -16.05
C LEU A 123 -1.61 8.34 -16.70
N GLN A 124 -1.57 9.60 -16.26
CA GLN A 124 -2.52 10.60 -16.71
C GLN A 124 -2.14 11.21 -18.05
N ALA A 125 -0.89 11.02 -18.46
CA ALA A 125 -0.41 11.54 -19.74
C ALA A 125 -1.43 11.32 -20.85
N VAL A 126 -1.74 12.37 -21.59
CA VAL A 126 -2.68 12.28 -22.69
C VAL A 126 -2.06 11.53 -23.87
N SER A 127 -2.79 10.56 -24.40
CA SER A 127 -2.31 9.77 -25.52
C SER A 127 -2.67 10.40 -26.86
N GLU A 128 -2.80 9.57 -27.88
CA GLU A 128 -3.17 10.04 -29.21
C GLU A 128 -4.59 9.59 -29.56
N GLN A 129 -5.01 8.47 -28.98
CA GLN A 129 -6.36 7.98 -29.13
C GLN A 129 -7.32 9.00 -28.54
N GLU A 130 -6.86 9.70 -27.50
CA GLU A 130 -7.67 10.69 -26.80
C GLU A 130 -7.66 12.03 -27.51
N LYS A 131 -6.80 12.18 -28.52
CA LYS A 131 -6.68 13.44 -29.24
C LYS A 131 -7.36 13.38 -30.60
N THR A 132 -7.38 12.20 -31.21
CA THR A 132 -8.04 12.02 -32.50
C THR A 132 -9.55 11.94 -32.33
N VAL A 133 -9.98 11.50 -31.16
CA VAL A 133 -11.40 11.40 -30.83
C VAL A 133 -12.02 12.78 -30.63
N GLU A 134 -13.24 12.96 -31.15
CA GLU A 134 -13.92 14.26 -31.10
C GLU A 134 -14.81 14.42 -29.86
N GLU A 135 -14.96 13.35 -29.09
CA GLU A 135 -15.75 13.39 -27.87
C GLU A 135 -14.99 12.77 -26.72
N VAL A 136 -14.51 13.61 -25.80
CA VAL A 136 -13.73 13.13 -24.67
C VAL A 136 -14.64 12.77 -23.50
N PRO A 137 -14.22 11.79 -22.69
CA PRO A 137 -15.00 11.37 -21.52
C PRO A 137 -14.85 12.39 -20.40
N HIS A 138 -15.79 12.39 -19.46
CA HIS A 138 -15.64 13.18 -18.27
C HIS A 138 -14.29 12.85 -17.63
N PRO A 139 -13.52 13.88 -17.25
CA PRO A 139 -12.20 13.71 -16.65
C PRO A 139 -12.14 12.60 -15.59
N LEU A 140 -13.16 12.52 -14.75
CA LEU A 140 -13.23 11.47 -13.73
C LEU A 140 -13.42 10.11 -14.37
N ASP A 141 -14.32 10.03 -15.35
CA ASP A 141 -14.52 8.80 -16.09
C ASP A 141 -13.21 8.35 -16.73
N ARG A 142 -12.49 9.30 -17.30
CA ARG A 142 -11.23 9.00 -17.97
C ARG A 142 -10.18 8.47 -17.01
N ASP A 143 -9.97 9.18 -15.90
CA ASP A 143 -9.00 8.76 -14.91
C ASP A 143 -9.34 7.36 -14.39
N TYR A 144 -10.62 7.15 -14.12
CA TYR A 144 -11.10 5.84 -13.68
C TYR A 144 -10.76 4.75 -14.70
N GLN A 145 -10.83 5.09 -15.98
CA GLN A 145 -10.51 4.14 -17.03
C GLN A 145 -9.02 3.89 -17.12
N LEU A 146 -8.22 4.92 -16.84
CA LEU A 146 -6.77 4.78 -16.85
C LEU A 146 -6.34 3.73 -15.85
N LEU A 147 -7.19 3.47 -14.86
CA LEU A 147 -6.88 2.49 -13.83
C LEU A 147 -6.89 1.07 -14.40
N LYS A 148 -7.75 0.84 -15.39
CA LYS A 148 -7.94 -0.51 -15.93
C LYS A 148 -8.22 -1.44 -14.75
N CYS A 149 -9.34 -1.20 -14.09
CA CYS A 149 -9.66 -1.87 -12.84
C CYS A 149 -11.10 -1.56 -12.47
N GLN A 150 -11.95 -2.58 -12.48
CA GLN A 150 -13.34 -2.39 -12.09
C GLN A 150 -13.45 -2.10 -10.61
N LEU A 151 -14.09 -0.99 -10.29
CA LEU A 151 -14.41 -0.65 -8.90
C LEU A 151 -15.92 -0.57 -8.78
N GLN A 152 -16.52 -1.58 -8.17
CA GLN A 152 -17.97 -1.60 -8.02
C GLN A 152 -18.39 -1.33 -6.58
N LEU A 153 -19.07 -0.21 -6.37
CA LEU A 153 -19.51 0.22 -5.05
C LEU A 153 -20.60 -0.68 -4.49
N LEU A 154 -20.43 -1.09 -3.22
CA LEU A 154 -21.39 -1.97 -2.55
C LEU A 154 -22.30 -1.14 -1.66
N ASP A 155 -23.32 -1.80 -1.09
CA ASP A 155 -24.23 -1.13 -0.17
C ASP A 155 -24.61 -2.00 1.02
N SER A 156 -25.59 -1.54 1.78
CA SER A 156 -26.02 -2.21 3.00
C SER A 156 -26.50 -3.64 2.75
N GLY A 157 -26.97 -3.89 1.53
CA GLY A 157 -27.55 -5.18 1.20
C GLY A 157 -26.69 -6.08 0.35
N ALA A 158 -25.37 -5.90 0.46
CA ALA A 158 -24.42 -6.78 -0.23
C ALA A 158 -24.03 -7.93 0.69
N PRO A 159 -23.91 -9.15 0.14
CA PRO A 159 -23.59 -10.33 0.94
C PRO A 159 -22.44 -10.10 1.90
N GLU A 160 -21.34 -9.54 1.39
CA GLU A 160 -20.13 -9.37 2.18
C GLU A 160 -20.07 -8.06 2.95
N TYR A 161 -21.20 -7.36 3.09
CA TYR A 161 -21.18 -6.06 3.75
C TYR A 161 -21.18 -6.15 5.27
N LYS A 162 -22.10 -6.92 5.84
CA LYS A 162 -22.15 -7.08 7.28
C LYS A 162 -20.90 -7.79 7.80
N VAL A 163 -20.19 -8.46 6.89
CA VAL A 163 -18.99 -9.20 7.24
C VAL A 163 -17.76 -8.30 7.30
N ILE A 164 -17.56 -7.50 6.25
CA ILE A 164 -16.43 -6.57 6.20
C ILE A 164 -16.56 -5.49 7.27
N GLN A 165 -17.79 -5.23 7.68
CA GLN A 165 -18.03 -4.21 8.70
C GLN A 165 -17.78 -4.76 10.10
N THR A 166 -18.18 -6.00 10.33
CA THR A 166 -17.94 -6.66 11.61
C THR A 166 -16.44 -6.84 11.80
N TYR A 167 -15.78 -7.20 10.71
CA TYR A 167 -14.32 -7.34 10.67
C TYR A 167 -13.68 -6.02 11.07
N LEU A 168 -14.12 -4.95 10.44
CA LEU A 168 -13.59 -3.61 10.66
C LEU A 168 -13.62 -3.19 12.13
N GLU A 169 -14.79 -3.31 12.75
CA GLU A 169 -15.01 -2.75 14.08
C GLU A 169 -14.41 -3.60 15.21
N GLN A 170 -14.50 -4.92 15.10
CA GLN A 170 -13.98 -5.79 16.15
C GLN A 170 -12.45 -5.76 16.21
N THR A 171 -11.80 -5.63 15.07
CA THR A 171 -10.34 -5.67 15.02
C THR A 171 -9.71 -4.28 15.12
N GLY A 172 -10.48 -3.25 14.79
CA GLY A 172 -9.99 -1.88 14.87
C GLY A 172 -9.69 -1.47 16.30
N SER A 173 -9.27 -0.22 16.49
CA SER A 173 -8.98 0.28 17.82
C SER A 173 -10.28 0.52 18.58
N ASN A 174 -10.31 0.10 19.85
CA ASN A 174 -11.49 0.27 20.67
C ASN A 174 -11.88 1.74 20.85
N HIS A 175 -10.88 2.60 21.04
CA HIS A 175 -11.15 4.02 21.30
C HIS A 175 -11.18 4.88 20.05
N ARG A 176 -10.02 5.04 19.41
CA ARG A 176 -9.93 5.83 18.18
C ARG A 176 -10.66 5.14 17.03
N CYS A 177 -11.93 4.85 17.26
CA CYS A 177 -12.75 4.07 16.34
C CYS A 177 -12.70 4.59 14.91
N PRO A 178 -12.26 3.75 13.97
CA PRO A 178 -12.30 4.08 12.54
C PRO A 178 -13.73 3.93 12.03
N THR A 179 -14.14 4.80 11.11
CA THR A 179 -15.53 4.81 10.66
C THR A 179 -15.68 4.43 9.18
N LEU A 180 -16.46 3.38 8.93
CA LEU A 180 -16.74 2.95 7.56
C LEU A 180 -17.61 3.97 6.84
N GLN A 181 -17.30 4.22 5.58
CA GLN A 181 -18.09 5.13 4.76
C GLN A 181 -18.57 4.40 3.51
N HIS A 182 -17.61 3.87 2.76
CA HIS A 182 -17.91 3.19 1.51
C HIS A 182 -17.05 1.94 1.34
N ILE A 183 -17.62 0.94 0.68
CA ILE A 183 -16.90 -0.27 0.30
C ILE A 183 -17.03 -0.49 -1.20
N TRP A 184 -15.90 -0.60 -1.88
CA TRP A 184 -15.89 -0.93 -3.30
C TRP A 184 -15.34 -2.34 -3.50
N LYS A 185 -16.04 -3.13 -4.31
CA LYS A 185 -15.50 -4.40 -4.72
C LYS A 185 -14.46 -4.12 -5.79
N VAL A 186 -13.31 -4.76 -5.68
CA VAL A 186 -12.20 -4.49 -6.58
C VAL A 186 -11.88 -5.70 -7.45
N ASN A 187 -12.14 -5.56 -8.75
CA ASN A 187 -11.77 -6.58 -9.72
C ASN A 187 -10.60 -6.12 -10.56
N GLN A 188 -9.42 -6.12 -9.96
CA GLN A 188 -8.21 -5.80 -10.68
C GLN A 188 -7.97 -6.87 -11.73
N GLU A 189 -8.35 -6.59 -12.97
CA GLU A 189 -8.15 -7.55 -14.06
C GLU A 189 -6.74 -7.48 -14.62
N GLY A 190 -6.05 -8.61 -14.57
CA GLY A 190 -4.64 -8.69 -14.86
C GLY A 190 -3.98 -9.46 -13.73
N GLU A 191 -4.70 -9.53 -12.61
CA GLU A 191 -4.29 -10.34 -11.47
C GLU A 191 -5.00 -11.68 -11.52
N GLU A 192 -6.17 -11.69 -12.14
CA GLU A 192 -7.04 -12.87 -12.20
C GLU A 192 -6.31 -14.11 -12.71
N ASP A 193 -5.56 -13.94 -13.80
CA ASP A 193 -4.87 -15.06 -14.44
C ASP A 193 -3.78 -15.67 -13.57
N ARG A 194 -2.87 -14.84 -13.09
CA ARG A 194 -1.73 -15.33 -12.30
C ARG A 194 -2.15 -15.87 -10.93
N PHE A 195 -3.29 -15.42 -10.43
CA PHE A 195 -3.80 -15.88 -9.14
C PHE A 195 -4.42 -17.28 -9.26
N GLN A 196 -4.82 -17.64 -10.47
CA GLN A 196 -5.37 -18.97 -10.75
C GLN A 196 -4.38 -20.07 -10.38
N ALA A 197 -3.10 -19.76 -10.49
CA ALA A 197 -2.03 -20.72 -10.23
C ALA A 197 -2.19 -21.44 -8.90
N HIS A 198 -2.53 -20.68 -7.86
CA HIS A 198 -2.57 -21.22 -6.50
C HIS A 198 -3.95 -21.77 -6.11
N SER A 199 -4.72 -22.18 -7.11
CA SER A 199 -6.06 -22.72 -6.88
C SER A 199 -6.04 -23.95 -5.97
N LYS A 200 -5.01 -24.77 -6.10
CA LYS A 200 -4.85 -25.94 -5.24
C LYS A 200 -4.37 -25.52 -3.86
N LEU A 201 -3.75 -24.34 -3.81
CA LEU A 201 -3.21 -23.81 -2.55
C LEU A 201 -4.32 -23.27 -1.66
N GLY A 202 -4.62 -24.01 -0.59
CA GLY A 202 -5.69 -23.64 0.33
C GLY A 202 -5.27 -22.60 1.34
N ASN A 203 -5.90 -22.66 2.52
CA ASN A 203 -5.60 -21.72 3.60
C ASN A 203 -5.66 -20.27 3.12
N ARG A 204 -6.84 -19.82 2.75
CA ARG A 204 -7.03 -18.46 2.25
C ARG A 204 -7.66 -17.58 3.31
N LYS A 205 -7.06 -16.43 3.56
CA LYS A 205 -7.61 -15.48 4.52
C LYS A 205 -7.75 -14.11 3.89
N LEU A 206 -8.71 -13.33 4.38
CA LEU A 206 -8.89 -11.96 3.92
C LEU A 206 -8.21 -11.02 4.90
N LEU A 207 -7.13 -10.39 4.46
CA LEU A 207 -6.31 -9.59 5.34
C LEU A 207 -6.31 -8.09 5.00
N TRP A 208 -5.94 -7.28 5.96
CA TRP A 208 -5.91 -5.83 5.79
C TRP A 208 -4.57 -5.37 5.23
N HIS A 209 -4.61 -4.30 4.44
CA HIS A 209 -3.38 -3.65 4.00
C HIS A 209 -3.54 -2.13 4.01
N GLY A 210 -3.00 -1.50 5.04
CA GLY A 210 -3.06 -0.05 5.18
C GLY A 210 -2.05 0.64 4.30
N THR A 211 -2.45 1.77 3.73
CA THR A 211 -1.64 2.47 2.74
C THR A 211 -1.95 3.96 2.76
N ASN A 212 -0.94 4.79 2.53
CA ASN A 212 -1.20 6.22 2.40
C ASN A 212 -1.77 6.55 1.02
N MET A 213 -2.56 7.62 0.96
CA MET A 213 -3.40 7.90 -0.20
C MET A 213 -2.63 8.07 -1.51
N ALA A 214 -1.33 8.33 -1.39
CA ALA A 214 -0.51 8.66 -2.56
C ALA A 214 -0.26 7.48 -3.49
N VAL A 215 -0.36 6.26 -2.96
CA VAL A 215 -0.03 5.08 -3.75
C VAL A 215 -1.26 4.28 -4.13
N VAL A 216 -2.40 4.62 -3.54
CA VAL A 216 -3.65 3.89 -3.79
C VAL A 216 -3.93 3.72 -5.28
N ALA A 217 -3.78 4.80 -6.04
CA ALA A 217 -3.96 4.73 -7.48
C ALA A 217 -3.03 3.68 -8.10
N ALA A 218 -1.73 3.82 -7.81
CA ALA A 218 -0.73 2.88 -8.30
C ALA A 218 -1.09 1.43 -8.03
N ILE A 219 -1.62 1.15 -6.84
CA ILE A 219 -2.02 -0.21 -6.47
C ILE A 219 -3.24 -0.68 -7.25
N LEU A 220 -4.21 0.22 -7.43
CA LEU A 220 -5.40 -0.12 -8.19
C LEU A 220 -5.04 -0.42 -9.65
N THR A 221 -3.83 -0.06 -10.04
CA THR A 221 -3.40 -0.22 -11.42
C THR A 221 -2.49 -1.43 -11.61
N SER A 222 -1.53 -1.58 -10.72
CA SER A 222 -0.50 -2.61 -10.86
C SER A 222 -0.66 -3.74 -9.84
N GLY A 223 -1.49 -3.49 -8.83
CA GLY A 223 -1.66 -4.43 -7.73
C GLY A 223 -0.54 -4.29 -6.72
N LEU A 224 -0.55 -5.14 -5.69
CA LEU A 224 0.50 -5.13 -4.69
C LEU A 224 1.77 -5.76 -5.25
N ARG A 225 2.91 -5.11 -4.99
CA ARG A 225 4.16 -5.48 -5.62
C ARG A 225 5.29 -5.59 -4.61
N ILE A 226 6.08 -6.64 -4.72
CA ILE A 226 7.28 -6.77 -3.92
C ILE A 226 8.36 -5.91 -4.54
N MET A 227 8.63 -4.76 -3.92
CA MET A 227 9.56 -3.79 -4.48
C MET A 227 10.99 -3.99 -3.99
N PRO A 228 11.96 -3.72 -4.86
CA PRO A 228 13.37 -3.71 -4.46
C PRO A 228 13.61 -2.58 -3.47
N HIS A 229 14.48 -2.81 -2.48
CA HIS A 229 14.84 -1.80 -1.50
C HIS A 229 13.83 -1.66 -0.36
N SER A 230 12.72 -2.40 -0.45
CA SER A 230 11.73 -2.38 0.61
C SER A 230 12.06 -3.42 1.67
N GLY A 231 12.25 -2.97 2.90
CA GLY A 231 12.55 -3.86 4.01
C GLY A 231 11.50 -3.78 5.08
N GLY A 232 11.57 -4.69 6.06
CA GLY A 232 10.64 -4.70 7.16
C GLY A 232 11.08 -5.65 8.26
N ARG A 233 10.25 -5.77 9.29
CA ARG A 233 10.58 -6.63 10.41
C ARG A 233 10.53 -8.11 10.05
N VAL A 234 9.97 -8.41 8.88
CA VAL A 234 9.85 -9.80 8.43
C VAL A 234 10.44 -9.98 7.02
N GLY A 235 11.32 -9.07 6.61
CA GLY A 235 12.00 -9.18 5.35
C GLY A 235 11.30 -8.56 4.17
N LYS A 236 11.63 -9.04 2.97
CA LYS A 236 11.20 -8.42 1.72
C LYS A 236 10.01 -9.15 1.10
N GLY A 237 8.80 -8.73 1.47
CA GLY A 237 7.59 -9.31 0.91
C GLY A 237 6.41 -8.35 0.96
N ILE A 238 5.21 -8.90 0.84
CA ILE A 238 4.00 -8.09 0.94
C ILE A 238 3.36 -8.32 2.32
N TYR A 239 3.18 -7.24 3.06
CA TYR A 239 2.71 -7.31 4.44
C TYR A 239 1.19 -7.18 4.57
N PHE A 240 0.61 -8.00 5.44
CA PHE A 240 -0.81 -7.93 5.74
C PHE A 240 -1.04 -8.06 7.23
N ALA A 241 -2.15 -7.50 7.71
CA ALA A 241 -2.53 -7.61 9.11
C ALA A 241 -3.93 -8.20 9.23
N SER A 242 -4.16 -8.96 10.30
CA SER A 242 -5.48 -9.52 10.57
C SER A 242 -6.25 -8.56 11.47
N GLU A 243 -5.51 -7.81 12.28
CA GLU A 243 -6.10 -6.75 13.09
C GLU A 243 -6.08 -5.44 12.32
N ASN A 244 -7.28 -4.89 12.11
CA ASN A 244 -7.43 -3.62 11.41
C ASN A 244 -6.54 -2.52 11.98
N SER A 245 -6.50 -2.43 13.31
CA SER A 245 -5.78 -1.35 13.97
C SER A 245 -4.29 -1.34 13.66
N LYS A 246 -3.77 -2.48 13.19
CA LYS A 246 -2.37 -2.57 12.79
C LYS A 246 -2.14 -1.87 11.44
N SER A 247 -3.01 -2.17 10.47
CA SER A 247 -2.89 -1.59 9.13
C SER A 247 -3.21 -0.10 9.10
N ALA A 248 -4.15 0.32 9.94
CA ALA A 248 -4.59 1.72 9.96
C ALA A 248 -3.48 2.65 10.47
N GLY A 249 -2.49 2.06 11.13
CA GLY A 249 -1.34 2.81 11.59
C GLY A 249 -0.52 3.33 10.42
N TYR A 250 -0.72 2.73 9.26
CA TYR A 250 0.02 3.11 8.05
C TYR A 250 -0.85 3.92 7.08
N VAL A 251 -2.06 4.27 7.51
CA VAL A 251 -2.98 5.05 6.70
C VAL A 251 -2.92 6.53 7.06
N ILE A 252 -2.02 7.26 6.41
CA ILE A 252 -1.90 8.70 6.65
C ILE A 252 -3.20 9.42 6.32
N GLY A 253 -3.73 10.15 7.30
CA GLY A 253 -5.01 10.83 7.15
C GLY A 253 -4.93 12.18 6.46
N MET A 254 -5.73 12.35 5.40
CA MET A 254 -5.76 13.60 4.65
C MET A 254 -7.02 14.40 4.95
N LYS A 255 -6.85 15.70 5.20
CA LYS A 255 -7.95 16.57 5.64
C LYS A 255 -8.93 16.95 4.51
N CYS A 256 -10.21 17.02 4.86
CA CYS A 256 -11.26 17.44 3.94
C CYS A 256 -12.37 18.20 4.65
N GLY A 257 -12.07 19.43 5.06
CA GLY A 257 -13.06 20.28 5.71
C GLY A 257 -13.14 20.09 7.21
N ALA A 258 -13.63 18.93 7.64
CA ALA A 258 -13.77 18.63 9.06
C ALA A 258 -13.33 17.20 9.37
N HIS A 259 -13.31 16.36 8.35
CA HIS A 259 -13.00 14.94 8.53
C HIS A 259 -11.67 14.55 7.90
N HIS A 260 -11.09 13.46 8.39
CA HIS A 260 -9.87 12.91 7.83
C HIS A 260 -10.19 11.66 7.02
N VAL A 261 -9.99 11.74 5.70
CA VAL A 261 -10.31 10.64 4.80
C VAL A 261 -9.14 9.66 4.67
N GLY A 262 -9.44 8.37 4.64
CA GLY A 262 -8.42 7.36 4.46
C GLY A 262 -8.93 6.14 3.70
N TYR A 263 -8.03 5.48 3.00
CA TYR A 263 -8.39 4.29 2.21
C TYR A 263 -7.57 3.06 2.59
N MET A 264 -8.26 1.94 2.75
CA MET A 264 -7.60 0.68 3.09
C MET A 264 -8.06 -0.44 2.16
N PHE A 265 -7.12 -1.32 1.81
CA PHE A 265 -7.44 -2.47 0.98
C PHE A 265 -7.67 -3.73 1.82
N LEU A 266 -8.59 -4.57 1.37
CA LEU A 266 -8.70 -5.92 1.87
C LEU A 266 -8.22 -6.86 0.77
N GLY A 267 -7.40 -7.84 1.14
CA GLY A 267 -6.85 -8.74 0.16
C GLY A 267 -7.14 -10.19 0.44
N GLU A 268 -7.36 -10.96 -0.63
CA GLU A 268 -7.44 -12.40 -0.52
C GLU A 268 -6.04 -12.96 -0.68
N VAL A 269 -5.54 -13.61 0.35
CA VAL A 269 -4.18 -14.12 0.33
C VAL A 269 -4.16 -15.64 0.46
N ALA A 270 -3.45 -16.29 -0.44
CA ALA A 270 -3.29 -17.74 -0.38
C ALA A 270 -2.11 -18.08 0.53
N LEU A 271 -2.39 -18.26 1.81
CA LEU A 271 -1.35 -18.49 2.82
C LEU A 271 -0.74 -19.88 2.76
N GLY A 272 -1.55 -20.89 2.47
CA GLY A 272 -1.07 -22.26 2.38
C GLY A 272 -0.47 -22.74 3.68
N ARG A 273 0.74 -23.31 3.60
CA ARG A 273 1.43 -23.81 4.79
C ARG A 273 2.13 -22.66 5.53
N GLU A 274 1.65 -22.35 6.72
CA GLU A 274 2.15 -21.21 7.48
C GLU A 274 3.41 -21.52 8.28
N HIS A 275 4.36 -20.61 8.26
CA HIS A 275 5.53 -20.69 9.12
C HIS A 275 5.45 -19.61 10.18
N HIS A 276 5.33 -20.03 11.44
CA HIS A 276 5.14 -19.09 12.54
C HIS A 276 6.45 -18.75 13.23
N ILE A 277 6.80 -17.47 13.16
CA ILE A 277 7.96 -16.96 13.87
C ILE A 277 7.49 -16.05 14.99
N ASN A 278 8.32 -15.86 16.01
CA ASN A 278 7.98 -14.94 17.09
C ASN A 278 9.12 -13.98 17.40
N THR A 279 9.98 -13.77 16.41
CA THR A 279 11.13 -12.88 16.54
C THR A 279 11.39 -12.16 15.23
N ASP A 280 12.00 -10.98 15.30
CA ASP A 280 12.31 -10.20 14.10
C ASP A 280 13.30 -10.91 13.19
N ASN A 281 13.18 -10.66 11.89
CA ASN A 281 14.07 -11.26 10.90
C ASN A 281 13.98 -10.56 9.55
N PRO A 282 14.67 -9.42 9.41
CA PRO A 282 14.62 -8.58 8.22
C PRO A 282 15.34 -9.15 6.98
N SER A 283 15.83 -10.38 7.07
CA SER A 283 16.64 -10.95 5.98
C SER A 283 15.89 -11.97 5.13
N LEU A 284 14.68 -12.34 5.56
CA LEU A 284 13.86 -13.32 4.84
C LEU A 284 13.37 -12.80 3.49
N LYS A 285 13.54 -13.62 2.45
CA LYS A 285 13.05 -13.26 1.11
C LYS A 285 12.16 -14.35 0.55
N SER A 286 11.99 -15.42 1.32
CA SER A 286 11.07 -16.50 0.99
C SER A 286 10.77 -17.25 2.28
N PRO A 287 9.70 -18.05 2.30
CA PRO A 287 9.49 -18.84 3.51
C PRO A 287 10.55 -19.95 3.56
N PRO A 288 10.65 -20.67 4.69
CA PRO A 288 11.47 -21.88 4.71
C PRO A 288 10.92 -22.91 3.73
N PRO A 289 11.78 -23.82 3.25
CA PRO A 289 11.35 -24.78 2.22
C PRO A 289 10.18 -25.64 2.70
N GLY A 290 9.11 -25.68 1.92
CA GLY A 290 7.93 -26.43 2.29
C GLY A 290 6.81 -25.53 2.79
N PHE A 291 7.16 -24.28 3.03
CA PHE A 291 6.19 -23.28 3.48
C PHE A 291 5.88 -22.26 2.38
N ASP A 292 4.67 -21.72 2.42
CA ASP A 292 4.21 -20.79 1.40
C ASP A 292 4.07 -19.37 1.95
N SER A 293 4.01 -19.26 3.27
CA SER A 293 3.92 -17.97 3.92
C SER A 293 4.61 -17.96 5.28
N VAL A 294 4.98 -16.77 5.75
CA VAL A 294 5.52 -16.59 7.08
C VAL A 294 4.60 -15.69 7.88
N ILE A 295 4.35 -16.04 9.13
CA ILE A 295 3.46 -15.24 9.96
C ILE A 295 4.06 -14.87 11.31
N ALA A 296 4.54 -13.64 11.40
CA ALA A 296 4.98 -13.08 12.67
C ALA A 296 3.78 -12.98 13.61
N ARG A 297 3.62 -13.98 14.46
CA ARG A 297 2.48 -14.06 15.38
C ARG A 297 2.61 -13.10 16.55
N GLY A 298 1.62 -12.23 16.71
CA GLY A 298 1.64 -11.22 17.76
C GLY A 298 1.16 -11.74 19.10
N HIS A 299 1.05 -10.85 20.08
CA HIS A 299 0.57 -11.21 21.40
C HIS A 299 -0.91 -11.56 21.39
N THR A 300 -1.65 -10.98 20.44
CA THR A 300 -3.07 -11.27 20.32
C THR A 300 -3.49 -11.56 18.90
N GLU A 301 -4.67 -12.16 18.76
CA GLU A 301 -5.23 -12.47 17.45
C GLU A 301 -6.74 -12.41 17.56
N PRO A 302 -7.41 -11.95 16.48
CA PRO A 302 -8.87 -11.98 16.45
C PRO A 302 -9.37 -13.38 16.83
N ASP A 303 -10.25 -13.45 17.84
CA ASP A 303 -10.77 -14.72 18.34
C ASP A 303 -11.11 -15.66 17.18
N PRO A 304 -10.27 -16.67 16.97
CA PRO A 304 -10.39 -17.62 15.85
C PRO A 304 -11.71 -18.38 15.86
N THR A 305 -12.33 -18.49 17.03
CA THR A 305 -13.59 -19.20 17.15
C THR A 305 -14.75 -18.37 16.62
N GLN A 306 -14.46 -17.11 16.32
CA GLN A 306 -15.46 -16.19 15.77
C GLN A 306 -15.29 -16.03 14.26
N ASP A 307 -14.33 -16.78 13.71
CA ASP A 307 -14.07 -16.73 12.27
C ASP A 307 -15.31 -17.07 11.46
N THR A 308 -15.39 -16.51 10.26
CA THR A 308 -16.44 -16.86 9.30
C THR A 308 -15.84 -17.03 7.92
N GLU A 309 -16.69 -17.32 6.93
CA GLU A 309 -16.20 -17.57 5.58
C GLU A 309 -17.07 -16.88 4.54
N LEU A 310 -16.42 -16.39 3.48
CA LEU A 310 -17.10 -15.89 2.30
C LEU A 310 -16.74 -16.79 1.14
N GLU A 311 -17.45 -16.66 0.03
CA GLU A 311 -17.12 -17.43 -1.16
C GLU A 311 -16.74 -16.52 -2.32
N LEU A 312 -15.43 -16.38 -2.54
CA LEU A 312 -14.93 -15.53 -3.60
C LEU A 312 -14.35 -16.35 -4.74
N ASP A 313 -15.04 -16.31 -5.89
CA ASP A 313 -14.63 -17.07 -7.07
C ASP A 313 -14.65 -18.57 -6.82
N GLY A 314 -15.63 -19.03 -6.03
CA GLY A 314 -15.78 -20.44 -5.73
C GLY A 314 -14.94 -20.91 -4.55
N GLN A 315 -14.15 -20.01 -4.01
CA GLN A 315 -13.21 -20.35 -2.94
C GLN A 315 -13.70 -19.85 -1.58
N GLN A 316 -13.58 -20.70 -0.57
CA GLN A 316 -13.82 -20.27 0.80
C GLN A 316 -12.66 -19.41 1.25
N VAL A 317 -12.96 -18.20 1.71
CA VAL A 317 -11.94 -17.30 2.22
C VAL A 317 -12.22 -16.96 3.67
N VAL A 318 -11.23 -17.11 4.53
CA VAL A 318 -11.41 -16.90 5.95
C VAL A 318 -11.49 -15.41 6.30
N VAL A 319 -12.49 -15.05 7.10
CA VAL A 319 -12.65 -13.67 7.55
C VAL A 319 -12.75 -13.62 9.07
N PRO A 320 -11.76 -13.01 9.73
CA PRO A 320 -11.74 -12.81 11.17
C PRO A 320 -12.92 -11.93 11.59
N GLN A 321 -13.57 -12.25 12.70
CA GLN A 321 -14.78 -11.52 13.08
C GLN A 321 -14.84 -11.18 14.56
N GLY A 322 -13.83 -11.58 15.31
CA GLY A 322 -13.80 -11.35 16.74
C GLY A 322 -12.76 -10.35 17.21
N GLN A 323 -12.96 -9.80 18.40
CA GLN A 323 -11.99 -8.92 19.02
C GLN A 323 -10.70 -9.69 19.26
N PRO A 324 -9.56 -8.99 19.22
CA PRO A 324 -8.28 -9.65 19.51
C PRO A 324 -8.28 -10.24 20.92
N VAL A 325 -7.77 -11.46 21.03
CA VAL A 325 -7.63 -12.12 22.32
C VAL A 325 -6.18 -12.56 22.49
N PRO A 326 -5.75 -12.80 23.74
CA PRO A 326 -4.35 -13.19 23.96
C PRO A 326 -4.04 -14.57 23.40
N CYS A 327 -2.86 -14.72 22.82
CA CYS A 327 -2.35 -16.03 22.43
C CYS A 327 -1.22 -16.43 23.37
N PRO A 328 -1.56 -17.18 24.42
CA PRO A 328 -0.60 -17.61 25.45
C PRO A 328 0.68 -18.19 24.83
N GLU A 329 0.54 -18.86 23.69
CA GLU A 329 1.69 -19.45 23.02
C GLU A 329 2.71 -18.39 22.61
N PHE A 330 2.23 -17.19 22.26
CA PHE A 330 3.12 -16.14 21.78
C PHE A 330 3.11 -14.90 22.68
N SER A 331 2.90 -15.12 23.98
CA SER A 331 2.84 -14.05 24.96
C SER A 331 4.17 -13.31 25.08
N SER A 332 5.24 -13.96 24.64
CA SER A 332 6.58 -13.37 24.77
C SER A 332 7.18 -12.99 23.41
N SER A 333 6.35 -12.99 22.38
CA SER A 333 6.80 -12.62 21.05
C SER A 333 7.30 -11.17 21.01
N THR A 334 8.04 -10.82 19.95
CA THR A 334 8.48 -9.43 19.79
C THR A 334 7.43 -8.64 19.02
N PHE A 335 6.41 -9.34 18.54
CA PHE A 335 5.33 -8.68 17.82
C PHE A 335 4.10 -8.51 18.70
N SER A 336 3.58 -7.28 18.78
CA SER A 336 2.35 -7.01 19.51
C SER A 336 1.15 -7.53 18.72
N GLN A 337 1.15 -7.24 17.42
CA GLN A 337 0.10 -7.72 16.52
C GLN A 337 0.71 -8.52 15.38
N SER A 338 -0.06 -9.46 14.85
CA SER A 338 0.41 -10.31 13.77
C SER A 338 0.79 -9.56 12.48
N GLU A 339 1.78 -10.08 11.78
CA GLU A 339 2.16 -9.56 10.47
C GLU A 339 2.30 -10.72 9.49
N TYR A 340 1.37 -10.80 8.54
CA TYR A 340 1.30 -11.90 7.59
C TYR A 340 2.17 -11.61 6.37
N LEU A 341 2.97 -12.59 5.97
CA LEU A 341 3.93 -12.40 4.89
C LEU A 341 3.84 -13.43 3.76
N ILE A 342 3.75 -12.92 2.54
CA ILE A 342 3.91 -13.74 1.35
C ILE A 342 5.08 -13.17 0.55
N TYR A 343 5.76 -14.02 -0.20
CA TYR A 343 6.96 -13.58 -0.91
C TYR A 343 6.87 -13.75 -2.42
N GLN A 344 5.65 -13.97 -2.90
CA GLN A 344 5.37 -13.86 -4.33
C GLN A 344 4.03 -13.19 -4.57
N GLU A 345 4.05 -12.21 -5.47
CA GLU A 345 2.89 -11.36 -5.73
C GLU A 345 1.64 -12.16 -6.05
N SER A 346 1.82 -13.25 -6.79
CA SER A 346 0.70 -14.05 -7.28
C SER A 346 -0.19 -14.66 -6.19
N GLN A 347 0.31 -14.73 -4.96
CA GLN A 347 -0.46 -15.31 -3.86
C GLN A 347 -1.42 -14.30 -3.26
N CYS A 348 -1.61 -13.17 -3.94
CA CYS A 348 -2.44 -12.10 -3.42
C CYS A 348 -3.34 -11.51 -4.48
N ARG A 349 -4.61 -11.34 -4.11
CA ARG A 349 -5.62 -10.79 -5.00
C ARG A 349 -6.42 -9.71 -4.27
N LEU A 350 -6.41 -8.49 -4.81
CA LEU A 350 -7.19 -7.42 -4.21
C LEU A 350 -8.67 -7.71 -4.37
N ARG A 351 -9.42 -7.62 -3.28
CA ARG A 351 -10.86 -7.88 -3.30
C ARG A 351 -11.68 -6.65 -2.97
N TYR A 352 -11.29 -5.92 -1.92
CA TYR A 352 -12.10 -4.81 -1.43
C TYR A 352 -11.32 -3.54 -1.11
N LEU A 353 -11.96 -2.39 -1.33
CA LEU A 353 -11.38 -1.10 -1.01
C LEU A 353 -12.33 -0.30 -0.13
N LEU A 354 -11.80 0.27 0.96
CA LEU A 354 -12.63 0.95 1.95
C LEU A 354 -12.27 2.42 2.16
N GLU A 355 -13.28 3.21 2.48
CA GLU A 355 -13.07 4.58 2.92
C GLU A 355 -13.45 4.70 4.39
N VAL A 356 -12.59 5.34 5.19
CA VAL A 356 -12.84 5.50 6.61
C VAL A 356 -12.58 6.92 7.08
N HIS A 357 -13.21 7.31 8.17
CA HIS A 357 -13.07 8.66 8.72
C HIS A 357 -12.50 8.63 10.13
C1N KU8 B . 6.08 -3.15 0.57
C1K KU8 B . 5.90 -1.79 -0.14
C1L KU8 B . 5.21 -1.85 -1.50
N1R KU8 B . 3.88 -2.33 -1.88
C1M KU8 B . 3.65 -3.75 -1.54
C1O KU8 B . 3.67 -4.03 -0.06
N2B KU8 B . 4.78 -3.76 0.83
C1T KU8 B . 4.44 -3.95 2.11
O1A KU8 B . 3.32 -4.39 2.41
C1W KU8 B . 5.38 -3.52 3.25
C1J KU8 B . 4.68 -2.92 4.27
C1V KU8 B . 6.78 -3.36 3.26
F1C KU8 B . 7.55 -3.91 2.31
C1G KU8 B . 7.42 -2.88 4.40
C1F KU8 B . 6.69 -2.36 5.45
C1U KU8 B . 5.31 -2.38 5.39
C1P KU8 B . 4.51 -1.79 6.56
C1X KU8 B . 3.02 -2.07 6.45
C1Z KU8 B . 2.42 -3.07 7.20
C1H KU8 B . 3.22 -3.85 8.04
C1D KU8 B . 2.62 -4.86 8.79
C1E KU8 B . 1.26 -5.09 8.70
C1I KU8 B . 0.48 -4.30 7.85
C2A KU8 B . 1.07 -3.29 7.11
C1Y KU8 B . 0.34 -2.48 6.26
O1B KU8 B . -0.88 -2.63 6.13
N1S KU8 B . 1.03 -1.49 5.54
N1Q KU8 B . 2.25 -1.31 5.65
#